data_7UX0
#
_entry.id   7UX0
#
_cell.length_a   39.530
_cell.length_b   43.113
_cell.length_c   72.018
_cell.angle_alpha   90.000
_cell.angle_beta   90.000
_cell.angle_gamma   90.000
#
_symmetry.space_group_name_H-M   'P 21 21 21'
#
loop_
_entity.id
_entity.type
_entity.pdbx_description
1 polymer 'Sperm-egg fusion protein TMEM95'
2 branched beta-D-mannopyranose-(1-4)-2-acetamido-2-deoxy-beta-D-glucopyranose-(1-4)-[alpha-L-fucopyranose-(1-6)]2-acetamido-2-deoxy-beta-D-glucopyranose
3 non-polymer 'TRIETHYLENE GLYCOL'
4 water water
#
_entity_poly.entity_id   1
_entity_poly.type   'polypeptide(L)'
_entity_poly.pdbx_seq_one_letter_code
;CVFCRLPAHDLSGRLARLCSQMEARQKECGASPDFSAFALDEVSMNKVTEKTHRVLRVMEIKEAVSSLPSYWSWLRKTKL
PEYTREALCPPACRGSTTLYNCSTCKGTEVSCWPRKRCFPGS
;
_entity_poly.pdbx_strand_id   A
#
# COMPACT_ATOMS: atom_id res chain seq x y z
N CYS A 1 2.37 3.15 0.77
CA CYS A 1 2.53 2.10 1.77
C CYS A 1 3.29 0.90 1.24
N VAL A 2 3.60 0.93 -0.06
CA VAL A 2 4.15 -0.22 -0.75
C VAL A 2 5.66 -0.20 -0.84
N PHE A 3 6.34 0.78 -0.23
CA PHE A 3 7.78 0.93 -0.35
C PHE A 3 8.51 0.65 0.95
N CYS A 4 7.84 0.09 1.96
CA CYS A 4 8.44 -0.14 3.28
C CYS A 4 8.78 -1.58 3.57
N ARG A 5 8.11 -2.52 2.92
CA ARG A 5 8.32 -3.94 3.16
C ARG A 5 8.56 -4.64 1.84
N LEU A 6 9.09 -5.87 1.94
CA LEU A 6 9.36 -6.71 0.78
C LEU A 6 10.19 -5.98 -0.29
N PRO A 7 11.31 -5.37 0.09
CA PRO A 7 12.08 -4.58 -0.90
C PRO A 7 12.63 -5.41 -2.04
N ALA A 8 12.73 -6.73 -1.89
CA ALA A 8 13.24 -7.57 -2.98
C ALA A 8 12.29 -7.64 -4.18
N HIS A 9 11.04 -7.18 -4.04
CA HIS A 9 10.17 -7.03 -5.19
C HIS A 9 10.61 -5.92 -6.12
N ASP A 10 11.46 -5.00 -5.62
CA ASP A 10 12.01 -3.91 -6.40
C ASP A 10 10.92 -3.16 -7.15
N LEU A 11 9.85 -2.79 -6.44
CA LEU A 11 8.76 -2.08 -7.10
C LEU A 11 9.23 -0.78 -7.74
N SER A 12 10.11 -0.05 -7.04
N SER A 12 10.11 -0.05 -7.04
CA SER A 12 10.58 1.23 -7.54
CA SER A 12 10.58 1.24 -7.57
C SER A 12 11.29 1.07 -8.89
C SER A 12 11.29 1.07 -8.90
N GLY A 13 12.23 0.14 -8.98
CA GLY A 13 12.93 -0.07 -10.22
C GLY A 13 12.05 -0.62 -11.32
N ARG A 14 11.09 -1.45 -10.95
CA ARG A 14 10.18 -1.99 -11.96
C ARG A 14 9.28 -0.90 -12.52
N LEU A 15 8.80 0.01 -11.67
CA LEU A 15 8.01 1.13 -12.17
C LEU A 15 8.86 1.99 -13.11
N ALA A 16 10.12 2.23 -12.75
CA ALA A 16 10.99 3.03 -13.60
C ALA A 16 11.26 2.34 -14.93
N ARG A 17 11.46 1.02 -14.91
CA ARG A 17 11.76 0.31 -16.15
C ARG A 17 10.54 0.22 -17.06
N LEU A 18 9.36 -0.01 -16.49
CA LEU A 18 8.15 0.01 -17.30
C LEU A 18 7.96 1.37 -17.96
N CYS A 19 8.34 2.44 -17.28
CA CYS A 19 8.20 3.79 -17.80
C CYS A 19 9.29 4.17 -18.79
N SER A 20 10.38 3.40 -18.86
CA SER A 20 11.34 3.58 -19.94
C SER A 20 10.81 3.02 -21.26
N GLN A 21 9.68 2.32 -21.24
N GLN A 21 9.69 2.30 -21.23
CA GLN A 21 9.05 1.81 -22.45
CA GLN A 21 9.10 1.74 -22.44
C GLN A 21 7.77 2.56 -22.74
C GLN A 21 7.93 2.58 -22.92
N GLN A 26 4.27 6.44 -25.87
CA GLN A 26 4.24 6.32 -24.42
C GLN A 26 3.71 7.59 -23.75
N LYS A 27 3.08 7.40 -22.59
CA LYS A 27 2.50 8.49 -21.83
C LYS A 27 3.20 8.63 -20.49
N GLU A 28 3.13 9.83 -19.92
CA GLU A 28 3.93 10.19 -18.75
C GLU A 28 3.61 9.28 -17.57
N CYS A 29 4.52 9.29 -16.60
CA CYS A 29 4.48 8.40 -15.45
C CYS A 29 4.53 9.20 -14.16
N GLY A 30 3.89 8.70 -13.12
CA GLY A 30 3.67 9.49 -11.92
C GLY A 30 4.33 9.03 -10.63
N ALA A 31 4.99 7.88 -10.64
CA ALA A 31 5.59 7.33 -9.42
C ALA A 31 6.48 8.35 -8.72
N SER A 32 6.26 8.55 -7.43
CA SER A 32 5.26 7.79 -6.65
C SER A 32 4.28 8.73 -5.94
N PRO A 33 3.10 8.23 -5.58
CA PRO A 33 2.13 9.06 -4.88
C PRO A 33 2.44 9.14 -3.39
N ASP A 34 1.92 10.19 -2.77
CA ASP A 34 2.18 10.47 -1.36
C ASP A 34 1.15 9.74 -0.50
N PHE A 35 1.61 8.77 0.28
CA PHE A 35 0.76 8.03 1.20
C PHE A 35 1.05 8.41 2.65
N SER A 36 1.56 9.61 2.89
CA SER A 36 1.92 10.02 4.24
C SER A 36 0.74 10.10 5.19
N ALA A 37 -0.49 10.06 4.69
CA ALA A 37 -1.66 10.10 5.56
C ALA A 37 -1.97 8.75 6.19
N PHE A 38 -1.25 7.69 5.82
CA PHE A 38 -1.60 6.33 6.20
C PHE A 38 -0.49 5.69 7.03
N ALA A 39 -0.89 4.73 7.85
CA ALA A 39 0.04 3.92 8.63
C ALA A 39 -0.63 2.57 8.84
N LEU A 40 0.09 1.48 8.51
CA LEU A 40 -0.50 0.15 8.48
C LEU A 40 0.27 -0.78 9.41
N ASP A 41 -0.41 -1.83 9.88
CA ASP A 41 0.33 -2.87 10.59
C ASP A 41 1.15 -3.71 9.61
N GLU A 42 2.01 -4.56 10.19
CA GLU A 42 2.92 -5.38 9.41
C GLU A 42 2.16 -6.25 8.41
N VAL A 43 1.07 -6.89 8.86
CA VAL A 43 0.34 -7.80 7.98
C VAL A 43 -0.23 -7.04 6.78
N SER A 44 -0.84 -5.87 7.04
CA SER A 44 -1.46 -5.12 5.96
C SER A 44 -0.43 -4.54 5.02
N MET A 45 0.72 -4.14 5.54
N MET A 45 0.72 -4.10 5.56
CA MET A 45 1.78 -3.60 4.68
CA MET A 45 1.80 -3.62 4.70
C MET A 45 2.30 -4.68 3.74
C MET A 45 2.23 -4.70 3.73
N ASN A 46 2.43 -5.92 4.24
CA ASN A 46 2.82 -7.01 3.36
C ASN A 46 1.76 -7.28 2.32
N LYS A 47 0.49 -7.27 2.73
CA LYS A 47 -0.60 -7.58 1.80
C LYS A 47 -0.67 -6.55 0.69
N VAL A 48 -0.58 -5.26 1.01
CA VAL A 48 -0.73 -4.24 -0.01
C VAL A 48 0.49 -4.23 -0.92
N THR A 49 1.68 -4.54 -0.39
CA THR A 49 2.86 -4.62 -1.24
C THR A 49 2.78 -5.82 -2.17
N GLU A 50 2.33 -6.96 -1.66
CA GLU A 50 2.17 -8.13 -2.53
C GLU A 50 1.11 -7.88 -3.60
N LYS A 51 0.00 -7.25 -3.24
CA LYS A 51 -1.02 -6.93 -4.22
C LYS A 51 -0.48 -6.02 -5.31
N THR A 52 0.29 -4.99 -4.91
CA THR A 52 0.88 -4.07 -5.88
C THR A 52 1.90 -4.77 -6.77
N HIS A 53 2.69 -5.69 -6.20
CA HIS A 53 3.58 -6.55 -6.98
C HIS A 53 2.82 -7.27 -8.10
N ARG A 54 1.67 -7.87 -7.77
N ARG A 54 1.69 -7.89 -7.76
CA ARG A 54 0.92 -8.63 -8.77
CA ARG A 54 0.91 -8.62 -8.76
C ARG A 54 0.27 -7.71 -9.80
C ARG A 54 0.30 -7.69 -9.81
N VAL A 55 -0.22 -6.55 -9.38
CA VAL A 55 -0.79 -5.58 -10.31
C VAL A 55 0.28 -5.08 -11.26
N LEU A 56 1.47 -4.78 -10.74
CA LEU A 56 2.53 -4.27 -11.59
C LEU A 56 3.00 -5.33 -12.57
N ARG A 57 3.02 -6.59 -12.15
N ARG A 57 2.98 -6.60 -12.18
CA ARG A 57 3.40 -7.66 -13.06
CA ARG A 57 3.41 -7.64 -13.10
C ARG A 57 2.46 -7.71 -14.27
C ARG A 57 2.45 -7.80 -14.27
N VAL A 58 1.15 -7.62 -14.03
CA VAL A 58 0.20 -7.60 -15.15
C VAL A 58 0.53 -6.46 -16.10
N MET A 59 0.83 -5.28 -15.54
CA MET A 59 1.19 -4.14 -16.37
C MET A 59 2.48 -4.39 -17.13
N GLU A 60 3.47 -5.04 -16.50
CA GLU A 60 4.75 -5.28 -17.17
C GLU A 60 4.59 -6.24 -18.34
N ILE A 61 3.77 -7.30 -18.16
CA ILE A 61 3.63 -8.30 -19.21
C ILE A 61 3.08 -7.67 -20.47
N LYS A 62 2.13 -6.76 -20.33
CA LYS A 62 1.51 -6.16 -21.50
C LYS A 62 2.02 -4.75 -21.77
N GLU A 63 3.06 -4.32 -21.04
CA GLU A 63 3.69 -3.02 -21.21
C GLU A 63 2.67 -1.87 -21.26
N ALA A 64 1.89 -1.74 -20.18
CA ALA A 64 0.82 -0.75 -20.11
C ALA A 64 0.81 -0.11 -18.73
N VAL A 65 0.99 1.20 -18.67
CA VAL A 65 0.94 1.95 -17.42
C VAL A 65 -0.31 2.77 -17.27
N SER A 66 -1.20 2.78 -18.27
CA SER A 66 -2.28 3.75 -18.28
C SER A 66 -3.21 3.63 -17.07
N SER A 67 -3.31 2.47 -16.46
N SER A 67 -3.30 2.46 -16.45
CA SER A 67 -4.21 2.30 -15.31
CA SER A 67 -4.20 2.30 -15.31
C SER A 67 -3.53 2.50 -13.98
C SER A 67 -3.54 2.58 -13.98
N LEU A 68 -2.25 2.91 -13.96
CA LEU A 68 -1.55 3.10 -12.69
C LEU A 68 -2.12 4.23 -11.84
N PRO A 69 -2.36 5.44 -12.36
CA PRO A 69 -2.97 6.49 -11.52
C PRO A 69 -4.27 6.07 -10.86
N SER A 70 -5.12 5.34 -11.58
N SER A 70 -5.13 5.34 -11.57
CA SER A 70 -6.36 4.85 -11.01
CA SER A 70 -6.37 4.87 -10.95
C SER A 70 -6.10 3.85 -9.88
C SER A 70 -6.11 3.83 -9.87
N TYR A 71 -5.06 3.03 -10.01
CA TYR A 71 -4.70 2.12 -8.95
C TYR A 71 -4.30 2.88 -7.68
N TRP A 72 -3.44 3.89 -7.84
CA TRP A 72 -3.03 4.66 -6.67
C TRP A 72 -4.23 5.35 -6.03
N SER A 73 -5.15 5.87 -6.85
N SER A 73 -5.16 5.86 -6.84
CA SER A 73 -6.32 6.54 -6.29
CA SER A 73 -6.32 6.55 -6.31
C SER A 73 -7.22 5.57 -5.55
C SER A 73 -7.24 5.59 -5.56
N TRP A 74 -7.39 4.36 -6.08
CA TRP A 74 -8.14 3.34 -5.38
C TRP A 74 -7.48 2.97 -4.05
N LEU A 75 -6.15 2.87 -4.02
CA LEU A 75 -5.48 2.65 -2.74
C LEU A 75 -5.79 3.78 -1.77
N ARG A 76 -5.66 5.03 -2.23
N ARG A 76 -5.63 5.03 -2.21
CA ARG A 76 -5.78 6.18 -1.37
CA ARG A 76 -5.81 6.15 -1.30
C ARG A 76 -7.21 6.39 -0.87
C ARG A 76 -7.24 6.26 -0.80
N LYS A 77 -8.21 6.05 -1.70
CA LYS A 77 -9.58 6.34 -1.34
C LYS A 77 -10.37 5.16 -0.80
N THR A 78 -9.94 3.94 -1.09
CA THR A 78 -10.78 2.79 -0.81
C THR A 78 -10.02 1.69 -0.07
N LYS A 79 -8.88 1.26 -0.60
CA LYS A 79 -8.28 0.04 -0.05
C LYS A 79 -7.50 0.31 1.23
N LEU A 80 -6.67 1.35 1.23
CA LEU A 80 -5.91 1.65 2.45
C LEU A 80 -6.82 1.94 3.63
N PRO A 81 -7.94 2.67 3.48
CA PRO A 81 -8.89 2.76 4.60
C PRO A 81 -9.39 1.40 5.09
N GLU A 82 -9.62 0.46 4.19
CA GLU A 82 -10.03 -0.90 4.59
C GLU A 82 -8.94 -1.59 5.40
N TYR A 83 -7.69 -1.52 4.92
CA TYR A 83 -6.60 -2.16 5.66
C TYR A 83 -6.40 -1.52 7.02
N THR A 84 -6.64 -0.21 7.12
CA THR A 84 -6.50 0.46 8.41
C THR A 84 -7.48 -0.10 9.42
N ARG A 85 -8.73 -0.28 9.03
N ARG A 85 -8.73 -0.30 9.02
CA ARG A 85 -9.73 -0.86 9.91
CA ARG A 85 -9.72 -0.86 9.93
C ARG A 85 -9.37 -2.29 10.30
C ARG A 85 -9.39 -2.31 10.30
N GLU A 86 -8.87 -3.08 9.34
CA GLU A 86 -8.44 -4.44 9.63
C GLU A 86 -7.39 -4.44 10.72
N ALA A 87 -6.44 -3.51 10.64
CA ALA A 87 -5.30 -3.50 11.56
C ALA A 87 -5.72 -3.17 12.98
N LEU A 88 -6.80 -2.43 13.16
CA LEU A 88 -7.18 -1.90 14.47
C LEU A 88 -8.34 -2.66 15.11
N CYS A 89 -8.91 -3.64 14.42
CA CYS A 89 -10.10 -4.34 14.89
C CYS A 89 -9.84 -5.82 15.09
N PRO A 90 -10.65 -6.50 15.89
CA PRO A 90 -10.59 -7.96 15.90
C PRO A 90 -10.98 -8.51 14.55
N PRO A 91 -10.49 -9.72 14.21
CA PRO A 91 -9.68 -10.57 15.08
C PRO A 91 -8.18 -10.27 15.03
N ALA A 92 -7.78 -9.27 14.24
CA ALA A 92 -6.35 -9.02 14.06
C ALA A 92 -5.73 -8.33 15.27
N CYS A 93 -6.45 -7.40 15.89
CA CYS A 93 -5.88 -6.54 16.92
C CYS A 93 -6.32 -7.01 18.29
N ARG A 94 -5.37 -7.08 19.21
CA ARG A 94 -5.64 -7.42 20.61
C ARG A 94 -4.77 -6.51 21.47
N GLY A 95 -5.42 -5.66 22.25
CA GLY A 95 -4.67 -4.77 23.11
C GLY A 95 -4.06 -3.60 22.35
N SER A 96 -2.97 -3.85 21.64
CA SER A 96 -2.35 -2.80 20.86
C SER A 96 -1.72 -3.43 19.63
N THR A 97 -1.29 -2.57 18.70
CA THR A 97 -0.58 -3.02 17.52
C THR A 97 0.38 -1.92 17.12
N THR A 98 1.37 -2.25 16.29
CA THR A 98 2.29 -1.25 15.79
C THR A 98 1.86 -0.87 14.37
N LEU A 99 1.65 0.43 14.15
CA LEU A 99 1.35 0.94 12.81
C LEU A 99 2.61 1.60 12.26
N TYR A 100 2.94 1.31 11.00
CA TYR A 100 4.13 1.84 10.35
C TYR A 100 3.72 2.92 9.36
N ASN A 101 4.29 4.12 9.53
CA ASN A 101 4.02 5.26 8.67
C ASN A 101 4.37 4.93 7.22
N CYS A 102 3.43 5.16 6.30
CA CYS A 102 3.63 4.74 4.91
C CYS A 102 4.70 5.55 4.19
N SER A 103 5.01 6.76 4.66
N SER A 103 5.01 6.76 4.66
CA SER A 103 6.05 7.59 4.08
CA SER A 103 6.08 7.55 4.05
C SER A 103 7.43 7.31 4.68
C SER A 103 7.44 7.25 4.68
N THR A 104 7.53 7.23 6.01
CA THR A 104 8.82 7.08 6.68
C THR A 104 9.13 5.66 7.11
N CYS A 105 8.14 4.76 7.10
CA CYS A 105 8.26 3.38 7.55
C CYS A 105 8.49 3.24 9.05
N LYS A 106 8.35 4.32 9.81
CA LYS A 106 8.58 4.27 11.25
C LYS A 106 7.33 3.84 11.98
N GLY A 107 7.52 3.07 13.04
CA GLY A 107 6.43 2.46 13.78
C GLY A 107 6.06 3.15 15.08
N THR A 108 4.77 3.07 15.41
CA THR A 108 4.23 3.59 16.66
C THR A 108 3.21 2.59 17.18
N GLU A 109 3.30 2.24 18.46
N GLU A 109 3.34 2.23 18.46
CA GLU A 109 2.33 1.31 19.05
CA GLU A 109 2.35 1.37 19.09
C GLU A 109 1.11 2.09 19.50
C GLU A 109 1.10 2.21 19.37
N VAL A 110 -0.06 1.65 19.02
CA VAL A 110 -1.34 2.28 19.35
C VAL A 110 -2.32 1.22 19.82
N SER A 111 -3.39 1.67 20.49
N SER A 111 -3.37 1.66 20.50
CA SER A 111 -4.38 0.74 21.01
CA SER A 111 -4.35 0.71 20.99
C SER A 111 -5.38 0.33 19.93
C SER A 111 -5.24 0.24 19.84
N CYS A 112 -5.97 -0.84 20.12
CA CYS A 112 -7.00 -1.31 19.21
C CYS A 112 -8.26 -0.45 19.36
N TRP A 113 -9.10 -0.49 18.34
CA TRP A 113 -10.36 0.23 18.38
C TRP A 113 -11.37 -0.54 19.23
N PRO A 114 -12.37 0.16 19.79
CA PRO A 114 -13.45 -0.55 20.48
C PRO A 114 -14.37 -1.23 19.48
N ARG A 115 -15.00 -2.32 19.94
CA ARG A 115 -15.92 -3.07 19.08
C ARG A 115 -17.01 -2.17 18.51
N LYS A 116 -17.37 -1.10 19.23
CA LYS A 116 -18.40 -0.18 18.76
C LYS A 116 -18.03 0.42 17.41
N ARG A 117 -16.81 0.95 17.30
CA ARG A 117 -16.38 1.54 16.03
C ARG A 117 -16.09 0.48 14.97
N CYS A 118 -15.65 -0.70 15.39
CA CYS A 118 -15.28 -1.74 14.43
C CYS A 118 -16.52 -2.34 13.76
N PHE A 119 -17.60 -2.49 14.51
CA PHE A 119 -18.78 -3.19 13.99
C PHE A 119 -20.05 -2.39 14.26
#